data_1GK5
#
_entry.id   1GK5
#
_cell.length_a   1.000
_cell.length_b   1.000
_cell.length_c   1.000
_cell.angle_alpha   90.00
_cell.angle_beta   90.00
_cell.angle_gamma   90.00
#
_symmetry.space_group_name_H-M   'P 1'
#
_entity_poly.entity_id   1
_entity_poly.type   'polypeptide(L)'
_entity_poly.pdbx_seq_one_letter_code
;NSYPGCPSSYDGYCLNGGVCMHIESLDSYTCNCVIGYSGDRCEHADLLA
;
_entity_poly.pdbx_strand_id   A
#
# COMPACT_ATOMS: atom_id res chain seq x y z
N ASN A 1 11.13 20.88 -0.77
CA ASN A 1 12.22 20.91 0.19
C ASN A 1 11.85 20.09 1.41
N SER A 2 10.93 19.14 1.24
CA SER A 2 10.50 18.29 2.33
C SER A 2 9.74 17.09 1.78
N TYR A 3 9.43 16.13 2.65
CA TYR A 3 8.71 14.93 2.24
C TYR A 3 7.45 14.79 3.09
N PRO A 4 6.38 15.49 2.71
CA PRO A 4 5.10 15.48 3.38
C PRO A 4 4.74 14.05 3.74
N GLY A 5 4.94 13.12 2.80
CA GLY A 5 4.64 11.72 3.03
C GLY A 5 3.18 11.44 2.69
N CYS A 6 2.78 10.17 2.75
CA CYS A 6 1.42 9.77 2.45
C CYS A 6 0.47 10.40 3.46
N PRO A 7 -0.81 10.50 3.09
CA PRO A 7 -1.86 11.07 3.92
C PRO A 7 -2.17 10.12 5.07
N SER A 8 -2.80 10.65 6.12
CA SER A 8 -3.15 9.85 7.28
C SER A 8 -4.63 9.99 7.57
N SER A 9 -5.46 9.91 6.53
CA SER A 9 -6.89 10.01 6.68
C SER A 9 -7.58 8.89 5.90
N TYR A 10 -6.79 8.08 5.20
CA TYR A 10 -7.33 6.99 4.41
C TYR A 10 -7.75 5.86 5.34
N ASP A 11 -7.24 5.88 6.57
CA ASP A 11 -7.56 4.85 7.54
C ASP A 11 -6.78 3.58 7.24
N GLY A 12 -5.45 3.66 7.36
CA GLY A 12 -4.59 2.52 7.09
C GLY A 12 -5.14 1.71 5.92
N TYR A 13 -5.20 2.33 4.74
CA TYR A 13 -5.70 1.67 3.55
C TYR A 13 -4.94 0.37 3.33
N CYS A 14 -3.64 0.47 3.04
CA CYS A 14 -2.81 -0.69 2.80
C CYS A 14 -2.71 -1.52 4.09
N LEU A 15 -3.02 -2.81 3.98
CA LEU A 15 -2.96 -3.70 5.13
C LEU A 15 -1.94 -4.79 4.89
N ASN A 16 -1.62 -5.56 5.93
CA ASN A 16 -0.65 -6.63 5.83
C ASN A 16 0.57 -6.15 5.08
N GLY A 17 1.52 -5.55 5.79
CA GLY A 17 2.74 -5.05 5.19
C GLY A 17 2.41 -4.10 4.03
N GLY A 18 1.73 -3.00 4.35
CA GLY A 18 1.35 -2.03 3.35
C GLY A 18 2.21 -0.78 3.47
N VAL A 19 3.27 -0.69 2.67
CA VAL A 19 4.16 0.44 2.69
C VAL A 19 3.75 1.45 1.63
N CYS A 20 3.23 2.61 2.06
CA CYS A 20 2.80 3.64 1.14
C CYS A 20 3.97 4.08 0.28
N MET A 21 3.74 4.24 -1.02
CA MET A 21 4.79 4.65 -1.93
C MET A 21 4.22 5.62 -2.96
N HIS A 22 4.59 6.90 -2.85
CA HIS A 22 4.12 7.92 -3.75
C HIS A 22 4.99 7.95 -5.00
N ILE A 23 4.40 7.61 -6.15
CA ILE A 23 5.13 7.59 -7.40
C ILE A 23 5.02 8.96 -8.08
N GLU A 24 6.16 9.62 -8.28
CA GLU A 24 6.19 10.92 -8.90
C GLU A 24 5.84 10.80 -10.37
N SER A 25 6.29 9.71 -11.01
CA SER A 25 6.03 9.47 -12.41
C SER A 25 4.53 9.31 -12.63
N LEU A 26 4.01 8.11 -12.41
CA LEU A 26 2.60 7.83 -12.58
C LEU A 26 1.77 8.97 -12.00
N ASP A 27 2.33 9.64 -10.98
CA ASP A 27 1.64 10.75 -10.34
C ASP A 27 0.40 10.23 -9.62
N SER A 28 0.54 9.10 -8.92
CA SER A 28 -0.57 8.52 -8.18
C SER A 28 -0.05 7.93 -6.87
N TYR A 29 -0.95 7.27 -6.13
CA TYR A 29 -0.59 6.67 -4.86
C TYR A 29 -0.77 5.16 -4.94
N THR A 30 0.29 4.42 -4.61
CA THR A 30 0.24 2.97 -4.64
C THR A 30 0.87 2.40 -3.38
N CYS A 31 0.59 1.12 -3.10
CA CYS A 31 1.13 0.46 -1.92
C CYS A 31 1.77 -0.86 -2.32
N ASN A 32 2.84 -1.24 -1.63
CA ASN A 32 3.53 -2.48 -1.92
C ASN A 32 3.04 -3.58 -0.99
N CYS A 33 2.70 -4.74 -1.57
CA CYS A 33 2.22 -5.87 -0.80
C CYS A 33 3.16 -7.05 -0.99
N VAL A 34 3.14 -8.00 -0.05
CA VAL A 34 3.98 -9.18 -0.12
C VAL A 34 3.28 -10.27 -0.92
N ILE A 35 4.01 -11.34 -1.23
CA ILE A 35 3.45 -12.45 -1.98
C ILE A 35 2.48 -13.23 -1.10
N GLY A 36 1.31 -13.58 -1.66
CA GLY A 36 0.31 -14.31 -0.92
C GLY A 36 -0.95 -13.47 -0.75
N TYR A 37 -0.78 -12.15 -0.68
CA TYR A 37 -1.89 -11.24 -0.53
C TYR A 37 -2.25 -10.62 -1.87
N SER A 38 -3.56 -10.52 -2.14
CA SER A 38 -4.03 -9.95 -3.39
C SER A 38 -5.41 -9.33 -3.19
N GLY A 39 -6.20 -9.91 -2.29
CA GLY A 39 -7.53 -9.42 -2.00
C GLY A 39 -7.51 -7.90 -1.90
N ASP A 40 -8.68 -7.28 -2.09
CA ASP A 40 -8.81 -5.85 -2.03
C ASP A 40 -7.96 -5.31 -0.87
N ARG A 41 -6.98 -4.45 -1.20
CA ARG A 41 -6.11 -3.89 -0.18
C ARG A 41 -5.34 -4.98 0.51
N CYS A 42 -4.93 -6.00 -0.25
CA CYS A 42 -4.17 -7.11 0.29
C CYS A 42 -4.80 -7.55 1.61
N GLU A 43 -6.10 -7.34 1.76
CA GLU A 43 -6.80 -7.72 2.97
C GLU A 43 -6.87 -9.23 3.08
N HIS A 44 -7.32 -9.88 2.00
CA HIS A 44 -7.44 -11.33 1.99
C HIS A 44 -6.06 -11.96 1.85
N ALA A 45 -5.86 -13.11 2.50
CA ALA A 45 -4.59 -13.81 2.46
C ALA A 45 -4.72 -15.07 1.61
N ASP A 46 -3.89 -15.17 0.57
CA ASP A 46 -3.91 -16.32 -0.30
C ASP A 46 -2.62 -17.11 -0.16
N LEU A 47 -2.29 -17.48 1.09
CA LEU A 47 -1.08 -18.24 1.36
C LEU A 47 -1.18 -19.61 0.71
N LEU A 48 -0.07 -20.06 0.12
CA LEU A 48 -0.02 -21.36 -0.55
C LEU A 48 0.68 -22.37 0.35
N ALA A 49 0.65 -22.13 1.66
CA ALA A 49 1.29 -23.03 2.61
C ALA A 49 2.80 -22.79 2.60
N ASN A 1 11.85 13.66 6.14
CA ASN A 1 10.71 12.87 5.71
C ASN A 1 9.69 12.79 6.83
N SER A 2 9.32 13.93 7.40
CA SER A 2 8.35 13.98 8.48
C SER A 2 7.11 14.71 8.03
N TYR A 3 6.92 14.81 6.71
CA TYR A 3 5.76 15.50 6.16
C TYR A 3 5.67 15.23 4.67
N PRO A 4 6.82 15.25 3.97
CA PRO A 4 6.91 15.02 2.56
C PRO A 4 6.35 13.64 2.23
N GLY A 5 6.51 12.69 3.14
CA GLY A 5 6.02 11.34 2.95
C GLY A 5 4.53 11.37 2.66
N CYS A 6 3.95 10.19 2.36
CA CYS A 6 2.55 10.08 2.07
C CYS A 6 1.73 10.67 3.21
N PRO A 7 0.42 10.83 3.00
CA PRO A 7 -0.50 11.37 3.97
C PRO A 7 -1.00 10.26 4.88
N SER A 8 -1.51 10.63 6.06
CA SER A 8 -2.03 9.67 7.01
C SER A 8 -3.50 9.89 7.24
N SER A 9 -4.24 10.23 6.17
CA SER A 9 -5.65 10.47 6.26
C SER A 9 -6.41 9.47 5.40
N TYR A 10 -5.67 8.61 4.71
CA TYR A 10 -6.28 7.61 3.85
C TYR A 10 -6.89 6.50 4.69
N ASP A 11 -6.57 6.48 5.98
CA ASP A 11 -7.08 5.48 6.89
C ASP A 11 -6.32 4.17 6.70
N GLY A 12 -5.01 4.22 6.87
CA GLY A 12 -4.18 3.04 6.71
C GLY A 12 -4.69 2.18 5.57
N TYR A 13 -4.70 2.74 4.36
CA TYR A 13 -5.17 2.03 3.20
C TYR A 13 -4.39 0.74 3.02
N CYS A 14 -3.09 0.87 2.72
CA CYS A 14 -2.23 -0.28 2.53
C CYS A 14 -2.08 -1.03 3.84
N LEU A 15 -2.21 -2.35 3.81
CA LEU A 15 -2.09 -3.18 4.99
C LEU A 15 -1.07 -4.28 4.76
N ASN A 16 -0.70 -5.00 5.83
CA ASN A 16 0.25 -6.08 5.73
C ASN A 16 1.43 -5.64 4.88
N GLY A 17 2.42 -4.99 5.49
CA GLY A 17 3.59 -4.53 4.78
C GLY A 17 3.19 -3.68 3.58
N GLY A 18 2.51 -2.56 3.85
CA GLY A 18 2.07 -1.67 2.80
C GLY A 18 2.89 -0.39 2.79
N VAL A 19 3.87 -0.31 1.88
CA VAL A 19 4.72 0.86 1.78
C VAL A 19 4.19 1.80 0.72
N CYS A 20 3.74 2.99 1.13
CA CYS A 20 3.21 3.97 0.22
C CYS A 20 4.23 4.27 -0.87
N MET A 21 3.77 4.35 -2.12
CA MET A 21 4.66 4.62 -3.24
C MET A 21 3.92 5.43 -4.30
N HIS A 22 4.04 6.76 -4.22
CA HIS A 22 3.38 7.64 -5.17
C HIS A 22 4.25 7.80 -6.41
N ILE A 23 3.74 7.32 -7.55
CA ILE A 23 4.46 7.41 -8.81
C ILE A 23 4.24 8.78 -9.44
N GLU A 24 5.32 9.43 -9.85
CA GLU A 24 5.24 10.74 -10.47
C GLU A 24 4.84 10.61 -11.93
N SER A 25 5.38 9.59 -12.61
CA SER A 25 5.07 9.35 -14.00
C SER A 25 3.59 9.07 -14.17
N LEU A 26 3.19 7.81 -13.93
CA LEU A 26 1.80 7.42 -14.06
C LEU A 26 0.91 8.47 -13.43
N ASP A 27 1.43 9.18 -12.43
CA ASP A 27 0.68 10.20 -11.74
C ASP A 27 -0.54 9.60 -11.08
N SER A 28 -0.32 8.57 -10.25
CA SER A 28 -1.41 7.90 -9.56
C SER A 28 -0.96 7.48 -8.17
N TYR A 29 -1.78 6.69 -7.49
CA TYR A 29 -1.47 6.22 -6.15
C TYR A 29 -1.48 4.71 -6.12
N THR A 30 -0.54 4.12 -5.37
CA THR A 30 -0.45 2.68 -5.25
C THR A 30 0.46 2.30 -4.10
N CYS A 31 0.37 1.05 -3.64
CA CYS A 31 1.18 0.57 -2.55
C CYS A 31 1.88 -0.73 -2.96
N ASN A 32 3.02 -1.01 -2.33
CA ASN A 32 3.78 -2.21 -2.63
C ASN A 32 3.49 -3.28 -1.59
N CYS A 33 2.82 -4.36 -2.01
CA CYS A 33 2.49 -5.46 -1.12
C CYS A 33 3.41 -6.64 -1.38
N VAL A 34 3.58 -7.50 -0.39
CA VAL A 34 4.43 -8.66 -0.52
C VAL A 34 3.69 -9.77 -1.26
N ILE A 35 4.41 -10.83 -1.62
CA ILE A 35 3.80 -11.96 -2.32
C ILE A 35 2.90 -12.73 -1.37
N GLY A 36 1.70 -13.07 -1.83
CA GLY A 36 0.75 -13.81 -1.02
C GLY A 36 -0.48 -12.94 -0.73
N TYR A 37 -0.28 -11.63 -0.67
CA TYR A 37 -1.36 -10.71 -0.39
C TYR A 37 -1.81 -10.04 -1.68
N SER A 38 -3.12 -10.02 -1.93
CA SER A 38 -3.66 -9.40 -3.13
C SER A 38 -5.07 -8.90 -2.86
N GLY A 39 -5.73 -9.48 -1.85
CA GLY A 39 -7.08 -9.09 -1.50
C GLY A 39 -7.17 -7.56 -1.39
N ASP A 40 -8.39 -7.05 -1.34
CA ASP A 40 -8.62 -5.61 -1.24
C ASP A 40 -7.63 -5.01 -0.24
N ARG A 41 -6.75 -4.14 -0.72
CA ARG A 41 -5.76 -3.51 0.12
C ARG A 41 -4.89 -4.57 0.78
N CYS A 42 -4.56 -5.62 0.03
CA CYS A 42 -3.72 -6.70 0.55
C CYS A 42 -4.22 -7.10 1.92
N GLU A 43 -5.52 -6.92 2.17
CA GLU A 43 -6.11 -7.29 3.44
C GLU A 43 -6.13 -8.80 3.60
N HIS A 44 -6.68 -9.49 2.59
CA HIS A 44 -6.76 -10.94 2.62
C HIS A 44 -5.40 -11.54 2.32
N ALA A 45 -5.09 -12.67 2.96
CA ALA A 45 -3.82 -13.34 2.75
C ALA A 45 -4.03 -14.58 1.89
N ASP A 46 -3.33 -14.64 0.76
CA ASP A 46 -3.45 -15.77 -0.15
C ASP A 46 -2.17 -16.59 -0.11
N LEU A 47 -1.76 -17.02 1.09
CA LEU A 47 -0.57 -17.81 1.26
C LEU A 47 -0.94 -19.27 1.47
N LEU A 48 0.08 -20.10 1.73
CA LEU A 48 -0.14 -21.52 1.95
C LEU A 48 -0.88 -22.12 0.78
N ALA A 49 -0.69 -21.54 -0.42
CA ALA A 49 -1.34 -22.03 -1.62
C ALA A 49 -1.08 -21.07 -2.76
N ASN A 1 11.70 21.36 -0.67
CA ASN A 1 12.32 20.10 -0.32
C ASN A 1 11.65 19.53 0.92
N SER A 2 10.33 19.36 0.86
CA SER A 2 9.57 18.81 1.98
C SER A 2 8.80 17.58 1.53
N TYR A 3 8.83 16.54 2.36
CA TYR A 3 8.14 15.30 2.04
C TYR A 3 7.23 14.90 3.20
N PRO A 4 6.13 15.65 3.38
CA PRO A 4 5.17 15.42 4.43
C PRO A 4 4.95 13.92 4.62
N GLY A 5 4.67 13.22 3.51
CA GLY A 5 4.44 11.79 3.55
C GLY A 5 3.01 11.47 3.15
N CYS A 6 2.62 10.20 3.29
CA CYS A 6 1.29 9.76 2.94
C CYS A 6 0.28 10.36 3.91
N PRO A 7 -0.98 10.49 3.48
CA PRO A 7 -2.06 11.03 4.26
C PRO A 7 -2.42 10.06 5.38
N SER A 8 -3.11 10.56 6.40
CA SER A 8 -3.50 9.73 7.53
C SER A 8 -5.00 9.83 7.75
N SER A 9 -5.78 9.76 6.66
CA SER A 9 -7.22 9.84 6.73
C SER A 9 -7.84 8.73 5.90
N TYR A 10 -7.00 7.95 5.23
CA TYR A 10 -7.48 6.85 4.40
C TYR A 10 -7.94 5.70 5.29
N ASP A 11 -7.49 5.69 6.54
CA ASP A 11 -7.85 4.65 7.48
C ASP A 11 -7.05 3.39 7.19
N GLY A 12 -5.72 3.48 7.38
CA GLY A 12 -4.85 2.34 7.14
C GLY A 12 -5.33 1.56 5.93
N TYR A 13 -5.31 2.21 4.76
CA TYR A 13 -5.74 1.56 3.54
C TYR A 13 -4.96 0.28 3.32
N CYS A 14 -3.65 0.40 3.11
CA CYS A 14 -2.78 -0.73 2.90
C CYS A 14 -2.76 -1.60 4.15
N LEU A 15 -2.94 -2.91 3.98
CA LEU A 15 -2.93 -3.83 5.10
C LEU A 15 -1.86 -4.88 4.89
N ASN A 16 -1.61 -5.70 5.93
CA ASN A 16 -0.61 -6.74 5.84
C ASN A 16 0.65 -6.21 5.20
N GLY A 17 1.53 -5.59 5.99
CA GLY A 17 2.77 -5.04 5.48
C GLY A 17 2.49 -4.09 4.33
N GLY A 18 1.73 -3.02 4.61
CA GLY A 18 1.40 -2.04 3.59
C GLY A 18 2.24 -0.78 3.77
N VAL A 19 3.33 -0.68 3.01
CA VAL A 19 4.21 0.46 3.09
C VAL A 19 3.83 1.47 2.01
N CYS A 20 3.31 2.63 2.44
CA CYS A 20 2.91 3.68 1.52
C CYS A 20 4.10 4.07 0.65
N MET A 21 3.82 4.43 -0.61
CA MET A 21 4.87 4.83 -1.53
C MET A 21 4.31 5.81 -2.54
N HIS A 22 4.67 7.09 -2.40
CA HIS A 22 4.21 8.12 -3.31
C HIS A 22 5.11 8.17 -4.54
N ILE A 23 4.57 7.80 -5.70
CA ILE A 23 5.32 7.80 -6.93
C ILE A 23 5.22 9.18 -7.59
N GLU A 24 6.35 9.84 -7.77
CA GLU A 24 6.38 11.15 -8.39
C GLU A 24 6.06 11.03 -9.88
N SER A 25 6.52 9.95 -10.50
CA SER A 25 6.27 9.72 -11.91
C SER A 25 4.78 9.55 -12.16
N LEU A 26 4.27 8.35 -11.94
CA LEU A 26 2.87 8.07 -12.14
C LEU A 26 2.02 9.19 -11.55
N ASP A 27 2.55 9.86 -10.53
CA ASP A 27 1.84 10.96 -9.89
C ASP A 27 0.60 10.42 -9.18
N SER A 28 0.75 9.30 -8.48
CA SER A 28 -0.35 8.70 -7.76
C SER A 28 0.14 8.09 -6.45
N TYR A 29 -0.76 7.43 -5.72
CA TYR A 29 -0.40 6.80 -4.46
C TYR A 29 -0.56 5.30 -4.56
N THR A 30 0.50 4.56 -4.25
CA THR A 30 0.48 3.12 -4.31
C THR A 30 1.07 2.53 -3.04
N CYS A 31 0.82 1.24 -2.80
CA CYS A 31 1.32 0.57 -1.62
C CYS A 31 1.99 -0.74 -2.03
N ASN A 32 3.03 -1.14 -1.31
CA ASN A 32 3.75 -2.36 -1.60
C ASN A 32 3.25 -3.48 -0.71
N CYS A 33 2.94 -4.63 -1.31
CA CYS A 33 2.45 -5.78 -0.58
C CYS A 33 3.35 -6.97 -0.83
N VAL A 34 3.36 -7.93 0.10
CA VAL A 34 4.19 -9.12 -0.03
C VAL A 34 3.46 -10.16 -0.87
N ILE A 35 4.17 -11.25 -1.21
CA ILE A 35 3.59 -12.31 -2.01
C ILE A 35 2.57 -13.07 -1.18
N GLY A 36 1.40 -13.35 -1.76
CA GLY A 36 0.36 -14.08 -1.07
C GLY A 36 -0.87 -13.19 -0.91
N TYR A 37 -0.64 -11.88 -0.77
CA TYR A 37 -1.74 -10.93 -0.60
C TYR A 37 -1.99 -10.20 -1.92
N SER A 38 -3.25 -10.15 -2.33
CA SER A 38 -3.62 -9.48 -3.56
C SER A 38 -5.03 -8.89 -3.44
N GLY A 39 -5.89 -9.58 -2.68
CA GLY A 39 -7.25 -9.12 -2.49
C GLY A 39 -7.27 -7.63 -2.21
N ASP A 40 -8.42 -6.99 -2.42
CA ASP A 40 -8.57 -5.56 -2.20
C ASP A 40 -7.79 -5.17 -0.95
N ARG A 41 -6.82 -4.27 -1.12
CA ARG A 41 -6.01 -3.80 -0.01
C ARG A 41 -5.20 -4.96 0.57
N CYS A 42 -4.72 -5.84 -0.32
CA CYS A 42 -3.94 -6.99 0.09
C CYS A 42 -4.59 -7.66 1.30
N GLU A 43 -5.92 -7.55 1.39
CA GLU A 43 -6.66 -8.14 2.49
C GLU A 43 -6.78 -9.63 2.30
N HIS A 44 -7.36 -10.04 1.16
CA HIS A 44 -7.53 -11.44 0.85
C HIS A 44 -6.19 -12.16 0.90
N ALA A 45 -5.88 -12.76 2.05
CA ALA A 45 -4.63 -13.47 2.23
C ALA A 45 -4.69 -14.80 1.50
N ASP A 46 -3.81 -15.00 0.52
CA ASP A 46 -3.76 -16.23 -0.25
C ASP A 46 -2.41 -16.89 -0.07
N LEU A 47 -2.00 -17.11 1.18
CA LEU A 47 -0.72 -17.74 1.47
C LEU A 47 -0.78 -19.22 1.09
N LEU A 48 0.40 -19.83 0.90
CA LEU A 48 0.47 -21.23 0.55
C LEU A 48 0.48 -22.08 1.80
N ALA A 49 -0.56 -22.88 2.00
CA ALA A 49 -0.66 -23.75 3.15
C ALA A 49 -2.09 -24.29 3.27
N ASN A 1 6.20 19.95 2.00
CA ASN A 1 6.76 20.98 2.84
C ASN A 1 6.28 20.81 4.27
N SER A 2 5.98 19.56 4.66
CA SER A 2 5.51 19.26 5.99
C SER A 2 5.47 17.76 6.20
N TYR A 3 5.33 17.01 5.12
CA TYR A 3 5.27 15.56 5.18
C TYR A 3 5.35 14.96 3.78
N PRO A 4 6.45 15.24 3.08
CA PRO A 4 6.71 14.76 1.74
C PRO A 4 6.28 13.30 1.62
N GLY A 5 6.52 12.53 2.69
CA GLY A 5 6.17 11.13 2.70
C GLY A 5 4.69 10.96 2.42
N CYS A 6 4.21 9.71 2.42
CA CYS A 6 2.82 9.41 2.16
C CYS A 6 1.94 10.16 3.17
N PRO A 7 0.64 10.24 2.89
CA PRO A 7 -0.33 10.89 3.73
C PRO A 7 -0.64 10.02 4.93
N SER A 8 -1.21 10.62 5.99
CA SER A 8 -1.56 9.90 7.18
C SER A 8 -3.02 10.16 7.55
N SER A 9 -3.90 10.07 6.55
CA SER A 9 -5.32 10.29 6.78
C SER A 9 -6.13 9.22 6.06
N TYR A 10 -5.43 8.31 5.37
CA TYR A 10 -6.09 7.24 4.65
C TYR A 10 -6.58 6.18 5.63
N ASP A 11 -5.95 6.11 6.80
CA ASP A 11 -6.32 5.15 7.81
C ASP A 11 -5.79 3.77 7.44
N GLY A 12 -4.52 3.52 7.77
CA GLY A 12 -3.90 2.24 7.47
C GLY A 12 -4.36 1.73 6.11
N TYR A 13 -4.00 2.46 5.05
CA TYR A 13 -4.39 2.08 3.70
C TYR A 13 -3.78 0.73 3.35
N CYS A 14 -2.46 0.69 3.18
CA CYS A 14 -1.77 -0.53 2.84
C CYS A 14 -1.75 -1.46 4.05
N LEU A 15 -2.06 -2.73 3.83
CA LEU A 15 -2.09 -3.72 4.90
C LEU A 15 -1.18 -4.88 4.54
N ASN A 16 -0.95 -5.77 5.52
CA ASN A 16 -0.09 -6.93 5.31
C ASN A 16 1.16 -6.52 4.54
N GLY A 17 2.16 -6.04 5.27
CA GLY A 17 3.41 -5.61 4.66
C GLY A 17 3.14 -4.68 3.49
N GLY A 18 2.51 -3.53 3.78
CA GLY A 18 2.19 -2.56 2.75
C GLY A 18 3.15 -1.39 2.82
N VAL A 19 4.11 -1.35 1.88
CA VAL A 19 5.09 -0.27 1.83
C VAL A 19 4.63 0.80 0.86
N CYS A 20 4.35 1.99 1.37
CA CYS A 20 3.91 3.10 0.55
C CYS A 20 4.92 3.35 -0.56
N MET A 21 4.44 3.59 -1.78
CA MET A 21 5.30 3.83 -2.92
C MET A 21 4.63 4.77 -3.89
N HIS A 22 4.86 6.08 -3.72
CA HIS A 22 4.27 7.08 -4.60
C HIS A 22 5.12 7.25 -5.84
N ILE A 23 4.52 7.01 -7.01
CA ILE A 23 5.21 7.13 -8.28
C ILE A 23 5.01 8.53 -8.84
N GLU A 24 6.11 9.27 -9.02
CA GLU A 24 6.04 10.62 -9.54
C GLU A 24 5.74 10.57 -11.04
N SER A 25 6.21 9.52 -11.71
CA SER A 25 5.99 9.37 -13.14
C SER A 25 4.51 9.12 -13.41
N LEU A 26 4.07 7.88 -13.24
CA LEU A 26 2.69 7.52 -13.47
C LEU A 26 1.77 8.56 -12.85
N ASP A 27 2.25 9.22 -11.78
CA ASP A 27 1.48 10.24 -11.10
C ASP A 27 0.25 9.60 -10.46
N SER A 28 0.45 8.52 -9.72
CA SER A 28 -0.64 7.83 -9.06
C SER A 28 -0.21 7.39 -7.67
N TYR A 29 -1.05 6.58 -7.01
CA TYR A 29 -0.75 6.10 -5.68
C TYR A 29 -0.99 4.61 -5.59
N THR A 30 -0.03 3.87 -5.03
CA THR A 30 -0.14 2.43 -4.90
C THR A 30 0.84 1.93 -3.86
N CYS A 31 0.61 0.70 -3.37
CA CYS A 31 1.46 0.11 -2.37
C CYS A 31 2.03 -1.21 -2.89
N ASN A 32 3.17 -1.64 -2.35
CA ASN A 32 3.80 -2.87 -2.77
C ASN A 32 3.38 -4.01 -1.85
N CYS A 33 2.70 -5.01 -2.40
CA CYS A 33 2.26 -6.15 -1.62
C CYS A 33 2.98 -7.40 -2.08
N VAL A 34 3.17 -8.37 -1.17
CA VAL A 34 3.85 -9.60 -1.49
C VAL A 34 2.88 -10.58 -2.13
N ILE A 35 3.40 -11.69 -2.64
CA ILE A 35 2.57 -12.71 -3.27
C ILE A 35 1.76 -13.44 -2.21
N GLY A 36 0.47 -13.65 -2.49
CA GLY A 36 -0.41 -14.33 -1.56
C GLY A 36 -1.37 -13.34 -0.91
N TYR A 37 -0.99 -12.07 -0.90
CA TYR A 37 -1.83 -11.03 -0.32
C TYR A 37 -2.46 -10.20 -1.42
N SER A 38 -3.78 -10.35 -1.58
CA SER A 38 -4.52 -9.61 -2.58
C SER A 38 -5.75 -8.98 -1.96
N GLY A 39 -6.70 -8.56 -2.82
CA GLY A 39 -7.92 -7.94 -2.34
C GLY A 39 -7.70 -6.46 -2.08
N ASP A 40 -8.79 -5.71 -1.92
CA ASP A 40 -8.70 -4.29 -1.66
C ASP A 40 -7.68 -4.02 -0.56
N ARG A 41 -6.60 -3.30 -0.89
CA ARG A 41 -5.57 -2.98 0.07
C ARG A 41 -4.91 -4.26 0.56
N CYS A 42 -4.71 -5.22 -0.35
CA CYS A 42 -4.10 -6.49 -0.01
C CYS A 42 -4.65 -6.98 1.32
N GLU A 43 -5.97 -6.89 1.50
CA GLU A 43 -6.61 -7.33 2.72
C GLU A 43 -6.92 -8.82 2.64
N HIS A 44 -7.37 -9.27 1.46
CA HIS A 44 -7.69 -10.67 1.27
C HIS A 44 -6.42 -11.50 1.21
N ALA A 45 -6.00 -12.02 2.37
CA ALA A 45 -4.80 -12.83 2.45
C ALA A 45 -5.07 -14.22 1.86
N ASP A 46 -4.11 -14.73 1.09
CA ASP A 46 -4.24 -16.02 0.47
C ASP A 46 -2.88 -16.70 0.38
N LEU A 47 -2.17 -16.77 1.50
CA LEU A 47 -0.86 -17.38 1.55
C LEU A 47 -0.76 -18.29 2.76
N LEU A 48 -0.33 -19.54 2.54
CA LEU A 48 -0.18 -20.50 3.61
C LEU A 48 0.96 -21.45 3.30
N ALA A 49 0.86 -22.18 2.19
CA ALA A 49 1.89 -23.12 1.79
C ALA A 49 1.80 -24.38 2.64
N ASN A 1 6.96 19.70 7.57
CA ASN A 1 7.80 20.88 7.63
C ASN A 1 9.27 20.48 7.60
N SER A 2 9.53 19.21 7.22
CA SER A 2 10.89 18.71 7.14
C SER A 2 10.87 17.23 6.79
N TYR A 3 9.74 16.57 7.08
CA TYR A 3 9.60 15.16 6.79
C TYR A 3 8.32 14.91 6.00
N PRO A 4 8.40 15.03 4.68
CA PRO A 4 7.29 14.84 3.77
C PRO A 4 7.14 13.36 3.45
N GLY A 5 6.02 12.98 2.84
CA GLY A 5 5.77 11.60 2.49
C GLY A 5 4.28 11.36 2.26
N CYS A 6 3.90 10.11 2.04
CA CYS A 6 2.50 9.76 1.81
C CYS A 6 1.67 10.19 3.01
N PRO A 7 0.52 10.81 2.75
CA PRO A 7 -0.40 11.29 3.76
C PRO A 7 -0.96 10.10 4.53
N SER A 8 -1.50 10.36 5.73
CA SER A 8 -2.07 9.32 6.56
C SER A 8 -3.56 9.55 6.73
N SER A 9 -4.22 10.01 5.67
CA SER A 9 -5.65 10.28 5.72
C SER A 9 -6.38 9.29 4.84
N TYR A 10 -5.63 8.39 4.19
CA TYR A 10 -6.22 7.39 3.32
C TYR A 10 -6.90 6.31 4.14
N ASP A 11 -6.61 6.29 5.45
CA ASP A 11 -7.19 5.30 6.35
C ASP A 11 -6.49 3.96 6.17
N GLY A 12 -5.16 3.95 6.35
CA GLY A 12 -4.39 2.73 6.21
C GLY A 12 -4.96 1.87 5.09
N TYR A 13 -5.05 2.45 3.89
CA TYR A 13 -5.58 1.75 2.74
C TYR A 13 -4.80 0.46 2.52
N CYS A 14 -3.53 0.58 2.14
CA CYS A 14 -2.68 -0.57 1.91
C CYS A 14 -2.47 -1.33 3.22
N LEU A 15 -2.71 -2.63 3.20
CA LEU A 15 -2.54 -3.46 4.38
C LEU A 15 -1.53 -4.56 4.11
N ASN A 16 -1.13 -5.28 5.16
CA ASN A 16 -0.18 -6.36 5.04
C ASN A 16 0.99 -5.92 4.16
N GLY A 17 2.00 -5.30 4.78
CA GLY A 17 3.16 -4.83 4.06
C GLY A 17 2.74 -3.93 2.90
N GLY A 18 2.08 -2.81 3.21
CA GLY A 18 1.62 -1.89 2.20
C GLY A 18 2.53 -0.66 2.17
N VAL A 19 3.50 -0.65 1.26
CA VAL A 19 4.42 0.47 1.14
C VAL A 19 3.89 1.45 0.11
N CYS A 20 3.52 2.65 0.57
CA CYS A 20 3.00 3.68 -0.31
C CYS A 20 4.01 3.94 -1.43
N MET A 21 3.49 4.11 -2.66
CA MET A 21 4.33 4.36 -3.80
C MET A 21 3.67 5.38 -4.72
N HIS A 22 4.01 6.66 -4.53
CA HIS A 22 3.44 7.72 -5.34
C HIS A 22 4.24 7.86 -6.64
N ILE A 23 3.62 7.48 -7.76
CA ILE A 23 4.27 7.56 -9.06
C ILE A 23 4.06 8.95 -9.64
N GLU A 24 5.16 9.62 -9.98
CA GLU A 24 5.09 10.96 -10.55
C GLU A 24 4.62 10.88 -12.00
N SER A 25 5.07 9.85 -12.72
CA SER A 25 4.69 9.66 -14.10
C SER A 25 3.19 9.45 -14.21
N LEU A 26 2.74 8.22 -13.99
CA LEU A 26 1.34 7.89 -14.06
C LEU A 26 0.52 8.95 -13.33
N ASP A 27 1.13 9.59 -12.34
CA ASP A 27 0.46 10.62 -11.58
C ASP A 27 -0.76 10.04 -10.88
N SER A 28 -0.55 8.95 -10.15
CA SER A 28 -1.64 8.30 -9.43
C SER A 28 -1.13 7.78 -8.09
N TYR A 29 -1.95 6.99 -7.40
CA TYR A 29 -1.58 6.43 -6.11
C TYR A 29 -1.61 4.91 -6.18
N THR A 30 -0.51 4.27 -5.81
CA THR A 30 -0.41 2.83 -5.83
C THR A 30 0.30 2.34 -4.59
N CYS A 31 0.20 1.04 -4.31
CA CYS A 31 0.83 0.44 -3.15
C CYS A 31 1.47 -0.89 -3.55
N ASN A 32 2.58 -1.23 -2.90
CA ASN A 32 3.28 -2.48 -3.20
C ASN A 32 2.89 -3.54 -2.17
N CYS A 33 2.44 -4.69 -2.65
CA CYS A 33 2.04 -5.79 -1.79
C CYS A 33 2.94 -6.99 -2.04
N VAL A 34 3.04 -7.88 -1.05
CA VAL A 34 3.87 -9.06 -1.17
C VAL A 34 3.04 -10.20 -1.74
N ILE A 35 3.70 -11.31 -2.10
CA ILE A 35 3.03 -12.47 -2.65
C ILE A 35 2.29 -13.21 -1.55
N GLY A 36 1.02 -13.54 -1.79
CA GLY A 36 0.21 -14.24 -0.82
C GLY A 36 -0.94 -13.36 -0.36
N TYR A 37 -0.76 -12.04 -0.46
CA TYR A 37 -1.79 -11.10 -0.05
C TYR A 37 -2.50 -10.55 -1.27
N SER A 38 -3.83 -10.73 -1.32
CA SER A 38 -4.62 -10.25 -2.42
C SER A 38 -5.92 -9.66 -1.91
N GLY A 39 -6.96 -9.67 -2.75
CA GLY A 39 -8.26 -9.14 -2.38
C GLY A 39 -8.20 -7.61 -2.30
N ASP A 40 -9.28 -7.00 -1.83
CA ASP A 40 -9.35 -5.56 -1.71
C ASP A 40 -8.32 -5.07 -0.68
N ARG A 41 -7.33 -4.31 -1.14
CA ARG A 41 -6.30 -3.80 -0.26
C ARG A 41 -5.45 -4.94 0.27
N CYS A 42 -5.06 -5.86 -0.61
CA CYS A 42 -4.26 -7.01 -0.24
C CYS A 42 -4.78 -7.59 1.07
N GLU A 43 -6.05 -7.31 1.39
CA GLU A 43 -6.65 -7.81 2.60
C GLU A 43 -6.79 -9.32 2.53
N HIS A 44 -7.37 -9.82 1.45
CA HIS A 44 -7.56 -11.25 1.27
C HIS A 44 -6.22 -11.96 1.35
N ALA A 45 -5.86 -12.41 2.56
CA ALA A 45 -4.61 -13.11 2.78
C ALA A 45 -4.71 -14.52 2.23
N ASP A 46 -3.69 -14.95 1.49
CA ASP A 46 -3.66 -16.28 0.92
C ASP A 46 -2.26 -16.85 1.00
N LEU A 47 -1.67 -16.84 2.20
CA LEU A 47 -0.33 -17.36 2.41
C LEU A 47 -0.25 -18.04 3.77
N LEU A 48 0.44 -19.18 3.83
CA LEU A 48 0.60 -19.92 5.06
C LEU A 48 2.07 -20.25 5.29
N ALA A 49 2.95 -19.58 4.55
CA ALA A 49 4.38 -19.79 4.67
C ALA A 49 4.76 -21.07 3.95
N ASN A 1 13.98 16.76 1.67
CA ASN A 1 13.54 16.49 0.31
C ASN A 1 12.59 15.29 0.30
N SER A 2 11.93 15.05 1.44
CA SER A 2 11.01 13.94 1.55
C SER A 2 9.69 14.42 2.16
N TYR A 3 8.57 13.96 1.60
CA TYR A 3 7.27 14.34 2.09
C TYR A 3 6.89 13.48 3.29
N PRO A 4 6.14 14.07 4.23
CA PRO A 4 5.69 13.40 5.44
C PRO A 4 5.34 11.96 5.13
N GLY A 5 4.66 11.73 4.00
CA GLY A 5 4.27 10.38 3.60
C GLY A 5 2.80 10.35 3.22
N CYS A 6 2.27 9.15 2.99
CA CYS A 6 0.87 8.99 2.62
C CYS A 6 -0.01 9.58 3.71
N PRO A 7 -1.13 10.18 3.31
CA PRO A 7 -2.09 10.80 4.19
C PRO A 7 -2.58 9.78 5.21
N SER A 8 -3.15 10.26 6.31
CA SER A 8 -3.65 9.39 7.35
C SER A 8 -5.16 9.57 7.51
N SER A 9 -5.85 9.72 6.37
CA SER A 9 -7.29 9.90 6.38
C SER A 9 -7.95 8.85 5.51
N TYR A 10 -7.14 7.99 4.89
CA TYR A 10 -7.65 6.95 4.02
C TYR A 10 -8.25 5.84 4.86
N ASP A 11 -7.94 5.82 6.16
CA ASP A 11 -8.45 4.81 7.06
C ASP A 11 -7.69 3.51 6.85
N GLY A 12 -6.39 3.52 7.16
CA GLY A 12 -5.56 2.34 7.02
C GLY A 12 -5.97 1.56 5.78
N TYR A 13 -5.89 2.20 4.61
CA TYR A 13 -6.26 1.56 3.36
C TYR A 13 -5.40 0.31 3.15
N CYS A 14 -4.10 0.50 2.98
CA CYS A 14 -3.18 -0.60 2.77
C CYS A 14 -3.15 -1.47 4.01
N LEU A 15 -3.29 -2.79 3.83
CA LEU A 15 -3.28 -3.73 4.94
C LEU A 15 -2.16 -4.73 4.74
N ASN A 16 -1.88 -5.53 5.79
CA ASN A 16 -0.84 -6.52 5.72
C ASN A 16 0.45 -5.90 5.18
N GLY A 17 1.28 -5.36 6.07
CA GLY A 17 2.53 -4.74 5.68
C GLY A 17 2.27 -3.69 4.61
N GLY A 18 1.52 -2.64 4.96
CA GLY A 18 1.21 -1.58 4.03
C GLY A 18 2.18 -0.43 4.21
N VAL A 19 3.25 -0.41 3.40
CA VAL A 19 4.25 0.63 3.47
C VAL A 19 3.92 1.72 2.46
N CYS A 20 3.75 2.95 2.95
CA CYS A 20 3.44 4.09 2.10
C CYS A 20 4.48 4.20 1.00
N MET A 21 4.08 4.73 -0.15
CA MET A 21 4.99 4.89 -1.28
C MET A 21 4.36 5.81 -2.32
N HIS A 22 4.75 7.09 -2.28
CA HIS A 22 4.22 8.06 -3.22
C HIS A 22 5.03 8.04 -4.51
N ILE A 23 4.37 7.72 -5.63
CA ILE A 23 5.04 7.67 -6.91
C ILE A 23 4.99 9.03 -7.58
N GLU A 24 6.13 9.49 -8.08
CA GLU A 24 6.22 10.78 -8.74
C GLU A 24 5.68 10.67 -10.16
N SER A 25 6.00 9.58 -10.85
CA SER A 25 5.54 9.35 -12.20
C SER A 25 4.04 9.19 -12.22
N LEU A 26 3.56 8.01 -11.81
CA LEU A 26 2.13 7.73 -11.78
C LEU A 26 1.39 8.92 -11.18
N ASP A 27 2.07 9.72 -10.36
CA ASP A 27 1.48 10.87 -9.73
C ASP A 27 0.26 10.45 -8.92
N SER A 28 0.37 9.31 -8.23
CA SER A 28 -0.73 8.81 -7.41
C SER A 28 -0.17 8.24 -6.12
N TYR A 29 -1.07 7.70 -5.28
CA TYR A 29 -0.68 7.11 -4.02
C TYR A 29 -0.97 5.62 -4.02
N THR A 30 0.07 4.80 -3.81
CA THR A 30 -0.09 3.37 -3.79
C THR A 30 0.63 2.78 -2.58
N CYS A 31 0.30 1.54 -2.24
CA CYS A 31 0.90 0.87 -1.10
C CYS A 31 1.76 -0.29 -1.59
N ASN A 32 2.85 -0.57 -0.88
CA ASN A 32 3.75 -1.64 -1.24
C ASN A 32 3.40 -2.90 -0.46
N CYS A 33 2.61 -3.79 -1.07
CA CYS A 33 2.20 -5.02 -0.43
C CYS A 33 3.24 -6.11 -0.71
N VAL A 34 3.36 -7.07 0.20
CA VAL A 34 4.31 -8.15 0.05
C VAL A 34 3.71 -9.24 -0.84
N ILE A 35 4.53 -10.22 -1.22
CA ILE A 35 4.08 -11.31 -2.05
C ILE A 35 3.20 -12.26 -1.25
N GLY A 36 2.07 -12.68 -1.83
CA GLY A 36 1.15 -13.58 -1.15
C GLY A 36 -0.08 -12.82 -0.70
N TYR A 37 0.05 -11.50 -0.53
CA TYR A 37 -1.06 -10.68 -0.10
C TYR A 37 -1.66 -9.95 -1.30
N SER A 38 -2.94 -10.21 -1.56
CA SER A 38 -3.63 -9.58 -2.68
C SER A 38 -5.07 -9.27 -2.29
N GLY A 39 -5.94 -9.14 -3.30
CA GLY A 39 -7.33 -8.86 -3.05
C GLY A 39 -7.53 -7.38 -2.76
N ASP A 40 -8.76 -6.99 -2.41
CA ASP A 40 -9.07 -5.61 -2.10
C ASP A 40 -8.19 -5.11 -0.97
N ARG A 41 -7.23 -4.24 -1.29
CA ARG A 41 -6.32 -3.70 -0.30
C ARG A 41 -5.48 -4.82 0.29
N CYS A 42 -4.87 -5.64 -0.59
CA CYS A 42 -4.04 -6.74 -0.16
C CYS A 42 -4.68 -7.43 1.05
N GLU A 43 -6.01 -7.44 1.09
CA GLU A 43 -6.73 -8.07 2.18
C GLU A 43 -6.74 -9.59 1.99
N HIS A 44 -7.03 -10.04 0.77
CA HIS A 44 -7.07 -11.45 0.47
C HIS A 44 -5.67 -12.05 0.60
N ALA A 45 -5.39 -12.64 1.77
CA ALA A 45 -4.10 -13.24 2.03
C ALA A 45 -4.00 -14.57 1.28
N ASP A 46 -2.86 -14.79 0.62
CA ASP A 46 -2.63 -16.01 -0.13
C ASP A 46 -1.18 -16.44 0.01
N LEU A 47 -0.71 -16.55 1.25
CA LEU A 47 0.66 -16.96 1.52
C LEU A 47 0.80 -18.46 1.33
N LEU A 48 -0.03 -19.04 0.45
CA LEU A 48 -0.01 -20.46 0.19
C LEU A 48 -0.33 -21.23 1.46
N ALA A 49 -1.59 -21.62 1.61
CA ALA A 49 -2.03 -22.36 2.77
C ALA A 49 -2.11 -21.43 3.98
N ASN A 1 12.59 19.88 5.47
CA ASN A 1 12.70 20.34 4.11
C ASN A 1 13.29 19.24 3.24
N SER A 2 13.09 17.98 3.64
CA SER A 2 13.60 16.84 2.91
C SER A 2 13.04 15.55 3.49
N TYR A 3 11.84 15.63 4.09
CA TYR A 3 11.21 14.48 4.68
C TYR A 3 9.72 14.49 4.37
N PRO A 4 9.34 13.87 3.24
CA PRO A 4 7.97 13.79 2.78
C PRO A 4 7.35 12.48 3.28
N GLY A 5 6.03 12.35 3.13
CA GLY A 5 5.34 11.16 3.56
C GLY A 5 3.92 11.16 3.02
N CYS A 6 3.19 10.07 3.26
CA CYS A 6 1.81 9.95 2.81
C CYS A 6 0.86 10.41 3.91
N PRO A 7 -0.32 10.91 3.52
CA PRO A 7 -1.34 11.39 4.42
C PRO A 7 -1.91 10.23 5.22
N SER A 8 -2.63 10.53 6.29
CA SER A 8 -3.24 9.51 7.12
C SER A 8 -4.74 9.72 7.19
N SER A 9 -5.36 10.04 6.05
CA SER A 9 -6.78 10.26 5.97
C SER A 9 -7.43 9.22 5.06
N TYR A 10 -6.60 8.34 4.49
CA TYR A 10 -7.10 7.30 3.61
C TYR A 10 -7.79 6.22 4.42
N ASP A 11 -7.55 6.20 5.74
CA ASP A 11 -8.16 5.22 6.61
C ASP A 11 -7.44 3.88 6.46
N GLY A 12 -6.12 3.88 6.68
CA GLY A 12 -5.34 2.68 6.57
C GLY A 12 -5.85 1.81 5.43
N TYR A 13 -5.82 2.34 4.22
CA TYR A 13 -6.29 1.62 3.05
C TYR A 13 -5.45 0.37 2.83
N CYS A 14 -4.15 0.56 2.54
CA CYS A 14 -3.25 -0.54 2.32
C CYS A 14 -3.10 -1.34 3.60
N LEU A 15 -3.22 -2.67 3.51
CA LEU A 15 -3.09 -3.54 4.66
C LEU A 15 -2.02 -4.58 4.40
N ASN A 16 -1.65 -5.34 5.44
CA ASN A 16 -0.64 -6.37 5.33
C ASN A 16 0.57 -5.83 4.59
N GLY A 17 1.48 -5.20 5.33
CA GLY A 17 2.68 -4.63 4.73
C GLY A 17 2.32 -3.74 3.56
N GLY A 18 1.56 -2.68 3.82
CA GLY A 18 1.15 -1.76 2.79
C GLY A 18 1.98 -0.48 2.86
N VAL A 19 3.01 -0.40 2.00
CA VAL A 19 3.88 0.76 1.97
C VAL A 19 3.37 1.76 0.94
N CYS A 20 2.95 2.94 1.39
CA CYS A 20 2.44 3.97 0.51
C CYS A 20 3.48 4.27 -0.57
N MET A 21 3.01 4.50 -1.80
CA MET A 21 3.90 4.79 -2.90
C MET A 21 3.21 5.74 -3.87
N HIS A 22 3.47 7.04 -3.73
CA HIS A 22 2.88 8.04 -4.59
C HIS A 22 3.71 8.19 -5.86
N ILE A 23 3.11 7.87 -7.00
CA ILE A 23 3.79 7.96 -8.27
C ILE A 23 3.54 9.33 -8.89
N GLU A 24 4.62 10.09 -9.12
CA GLU A 24 4.50 11.41 -9.70
C GLU A 24 4.11 11.30 -11.16
N SER A 25 4.62 10.28 -11.85
CA SER A 25 4.32 10.06 -13.24
C SER A 25 2.83 9.77 -13.43
N LEU A 26 2.45 8.52 -13.22
CA LEU A 26 1.06 8.12 -13.35
C LEU A 26 0.16 9.14 -12.69
N ASP A 27 0.68 9.81 -11.65
CA ASP A 27 -0.08 10.81 -10.93
C ASP A 27 -1.29 10.17 -10.27
N SER A 28 -1.08 9.05 -9.57
CA SER A 28 -2.14 8.35 -8.90
C SER A 28 -1.66 7.85 -7.54
N TYR A 29 -2.47 7.03 -6.88
CA TYR A 29 -2.13 6.50 -5.57
C TYR A 29 -2.07 4.98 -5.64
N THR A 30 -0.93 4.40 -5.26
CA THR A 30 -0.75 2.97 -5.27
C THR A 30 -0.04 2.51 -4.00
N CYS A 31 -0.15 1.22 -3.68
CA CYS A 31 0.49 0.67 -2.51
C CYS A 31 1.20 -0.62 -2.88
N ASN A 32 2.31 -0.91 -2.19
CA ASN A 32 3.09 -2.10 -2.45
C ASN A 32 2.70 -3.20 -1.46
N CYS A 33 2.37 -4.38 -1.99
CA CYS A 33 1.99 -5.51 -1.16
C CYS A 33 3.00 -6.63 -1.32
N VAL A 34 3.12 -7.48 -0.31
CA VAL A 34 4.05 -8.59 -0.34
C VAL A 34 3.43 -9.76 -1.09
N ILE A 35 4.24 -10.80 -1.36
CA ILE A 35 3.78 -11.97 -2.08
C ILE A 35 2.89 -12.80 -1.16
N GLY A 36 1.70 -13.19 -1.66
CA GLY A 36 0.77 -13.97 -0.88
C GLY A 36 -0.43 -13.15 -0.48
N TYR A 37 -0.26 -11.81 -0.45
CA TYR A 37 -1.33 -10.91 -0.08
C TYR A 37 -1.92 -10.28 -1.34
N SER A 38 -3.21 -10.51 -1.58
CA SER A 38 -3.88 -9.96 -2.74
C SER A 38 -5.31 -9.58 -2.37
N GLY A 39 -6.13 -9.28 -3.38
CA GLY A 39 -7.51 -8.90 -3.16
C GLY A 39 -7.61 -7.42 -2.85
N ASP A 40 -8.85 -6.92 -2.69
CA ASP A 40 -9.08 -5.53 -2.39
C ASP A 40 -8.23 -5.11 -1.19
N ARG A 41 -7.25 -4.24 -1.43
CA ARG A 41 -6.38 -3.76 -0.36
C ARG A 41 -5.59 -4.93 0.20
N CYS A 42 -5.14 -5.84 -0.67
CA CYS A 42 -4.37 -6.99 -0.25
C CYS A 42 -4.95 -7.55 1.03
N GLU A 43 -6.25 -7.85 1.03
CA GLU A 43 -6.90 -8.39 2.20
C GLU A 43 -6.88 -9.91 2.15
N HIS A 44 -6.70 -10.47 0.95
CA HIS A 44 -6.66 -11.91 0.77
C HIS A 44 -5.30 -12.45 1.18
N ALA A 45 -5.18 -12.88 2.44
CA ALA A 45 -3.93 -13.42 2.94
C ALA A 45 -3.70 -14.81 2.39
N ASP A 46 -2.62 -14.98 1.61
CA ASP A 46 -2.30 -16.26 1.02
C ASP A 46 -0.78 -16.45 1.02
N LEU A 47 -0.16 -16.37 2.21
CA LEU A 47 1.26 -16.53 2.34
C LEU A 47 1.65 -17.97 2.03
N LEU A 48 0.80 -18.92 2.45
CA LEU A 48 1.06 -20.32 2.22
C LEU A 48 -0.11 -21.15 2.74
N ALA A 49 -1.29 -20.53 2.82
CA ALA A 49 -2.48 -21.21 3.30
C ALA A 49 -3.65 -20.24 3.33
N ASN A 1 14.01 12.07 -0.61
CA ASN A 1 13.52 13.36 -0.19
C ASN A 1 12.80 13.24 1.15
N SER A 2 12.56 14.38 1.79
CA SER A 2 11.88 14.40 3.08
C SER A 2 10.50 15.03 2.93
N TYR A 3 9.48 14.21 2.69
CA TYR A 3 8.13 14.69 2.52
C TYR A 3 7.24 14.10 3.60
N PRO A 4 6.24 14.88 4.05
CA PRO A 4 5.29 14.49 5.08
C PRO A 4 4.95 13.01 4.92
N GLY A 5 4.79 12.56 3.67
CA GLY A 5 4.46 11.17 3.39
C GLY A 5 2.99 11.04 3.05
N CYS A 6 2.51 9.80 2.94
CA CYS A 6 1.13 9.53 2.61
C CYS A 6 0.22 10.26 3.60
N PRO A 7 -1.08 10.29 3.30
CA PRO A 7 -2.09 10.93 4.12
C PRO A 7 -2.54 9.98 5.21
N SER A 8 -3.18 10.52 6.25
CA SER A 8 -3.66 9.71 7.36
C SER A 8 -5.16 9.86 7.50
N SER A 9 -5.86 9.88 6.36
CA SER A 9 -7.31 10.02 6.36
C SER A 9 -7.93 8.94 5.49
N TYR A 10 -7.09 8.10 4.91
CA TYR A 10 -7.56 7.02 4.06
C TYR A 10 -8.17 5.91 4.91
N ASP A 11 -7.76 5.85 6.18
CA ASP A 11 -8.24 4.84 7.10
C ASP A 11 -7.57 3.51 6.81
N GLY A 12 -6.35 3.33 7.33
CA GLY A 12 -5.60 2.11 7.13
C GLY A 12 -5.78 1.61 5.70
N TYR A 13 -5.27 2.37 4.74
CA TYR A 13 -5.38 2.00 3.34
C TYR A 13 -4.61 0.71 3.08
N CYS A 14 -3.30 0.75 3.29
CA CYS A 14 -2.45 -0.41 3.09
C CYS A 14 -2.45 -1.28 4.33
N LEU A 15 -2.86 -2.54 4.18
CA LEU A 15 -2.91 -3.47 5.31
C LEU A 15 -1.89 -4.58 5.10
N ASN A 16 -1.71 -5.42 6.12
CA ASN A 16 -0.76 -6.52 6.05
C ASN A 16 0.52 -6.06 5.39
N GLY A 17 1.42 -5.45 6.17
CA GLY A 17 2.68 -4.96 5.66
C GLY A 17 2.45 -4.10 4.43
N GLY A 18 1.70 -3.01 4.58
CA GLY A 18 1.40 -2.11 3.49
C GLY A 18 2.26 -0.85 3.60
N VAL A 19 3.31 -0.77 2.78
CA VAL A 19 4.20 0.37 2.78
C VAL A 19 3.76 1.37 1.73
N CYS A 20 3.23 2.52 2.17
CA CYS A 20 2.76 3.55 1.27
C CYS A 20 3.92 4.02 0.39
N MET A 21 3.62 4.43 -0.84
CA MET A 21 4.63 4.89 -1.77
C MET A 21 4.02 5.83 -2.78
N HIS A 22 4.12 7.14 -2.53
CA HIS A 22 3.56 8.13 -3.43
C HIS A 22 4.56 8.44 -4.54
N ILE A 23 4.20 8.09 -5.77
CA ILE A 23 5.06 8.34 -6.92
C ILE A 23 4.81 9.74 -7.47
N GLU A 24 5.89 10.50 -7.68
CA GLU A 24 5.78 11.84 -8.20
C GLU A 24 5.45 11.80 -9.68
N SER A 25 6.11 10.91 -10.41
CA SER A 25 5.88 10.77 -11.83
C SER A 25 4.47 10.27 -12.09
N LEU A 26 4.25 8.96 -11.89
CA LEU A 26 2.95 8.37 -12.09
C LEU A 26 1.87 9.27 -11.52
N ASP A 27 2.25 10.13 -10.57
CA ASP A 27 1.31 11.04 -9.95
C ASP A 27 0.12 10.26 -9.38
N SER A 28 0.39 9.09 -8.81
CA SER A 28 -0.64 8.25 -8.24
C SER A 28 -0.17 7.65 -6.94
N TYR A 29 -1.02 6.83 -6.31
CA TYR A 29 -0.67 6.18 -5.06
C TYR A 29 -0.57 4.67 -5.26
N THR A 30 0.54 4.09 -4.82
CA THR A 30 0.76 2.66 -4.96
C THR A 30 1.07 2.04 -3.61
N CYS A 31 0.92 0.73 -3.49
CA CYS A 31 1.19 0.02 -2.26
C CYS A 31 2.17 -1.12 -2.52
N ASN A 32 3.08 -1.35 -1.58
CA ASN A 32 4.07 -2.40 -1.72
C ASN A 32 3.73 -3.56 -0.79
N CYS A 33 2.77 -4.40 -1.21
CA CYS A 33 2.35 -5.54 -0.42
C CYS A 33 3.29 -6.71 -0.68
N VAL A 34 3.35 -7.65 0.27
CA VAL A 34 4.22 -8.81 0.14
C VAL A 34 3.54 -9.87 -0.71
N ILE A 35 4.26 -10.93 -1.05
CA ILE A 35 3.72 -12.01 -1.85
C ILE A 35 2.74 -12.82 -1.03
N GLY A 36 1.59 -13.16 -1.62
CA GLY A 36 0.57 -13.93 -0.94
C GLY A 36 -0.68 -13.08 -0.74
N TYR A 37 -0.52 -11.76 -0.75
CA TYR A 37 -1.63 -10.85 -0.57
C TYR A 37 -2.01 -10.23 -1.90
N SER A 38 -3.32 -10.09 -2.13
CA SER A 38 -3.81 -9.51 -3.37
C SER A 38 -5.18 -8.88 -3.14
N GLY A 39 -5.96 -9.48 -2.24
CA GLY A 39 -7.29 -8.98 -1.93
C GLY A 39 -7.28 -7.47 -1.84
N ASP A 40 -8.43 -6.85 -2.02
CA ASP A 40 -8.56 -5.41 -1.96
C ASP A 40 -7.68 -4.87 -0.82
N ARG A 41 -6.77 -3.97 -1.16
CA ARG A 41 -5.88 -3.38 -0.18
C ARG A 41 -5.13 -4.49 0.57
N CYS A 42 -4.75 -5.54 -0.16
CA CYS A 42 -4.03 -6.66 0.44
C CYS A 42 -4.70 -7.05 1.74
N GLU A 43 -6.03 -6.91 1.81
CA GLU A 43 -6.77 -7.25 3.01
C GLU A 43 -6.83 -8.76 3.17
N HIS A 44 -7.19 -9.47 2.10
CA HIS A 44 -7.28 -10.91 2.12
C HIS A 44 -5.89 -11.52 1.93
N ALA A 45 -5.66 -12.68 2.55
CA ALA A 45 -4.39 -13.36 2.44
C ALA A 45 -4.53 -14.59 1.55
N ASP A 46 -3.54 -14.82 0.69
CA ASP A 46 -3.55 -15.96 -0.21
C ASP A 46 -2.24 -16.72 -0.11
N LEU A 47 -1.86 -17.09 1.11
CA LEU A 47 -0.62 -17.82 1.33
C LEU A 47 -0.89 -19.32 1.29
N LEU A 48 -0.05 -20.05 0.56
CA LEU A 48 -0.20 -21.49 0.43
C LEU A 48 1.14 -22.17 0.71
N ALA A 49 2.02 -21.49 1.45
CA ALA A 49 3.31 -22.03 1.78
C ALA A 49 4.24 -21.92 0.58
N ASN A 1 14.37 18.48 -0.63
CA ASN A 1 13.73 17.63 -1.61
C ASN A 1 12.89 16.57 -0.90
N SER A 2 12.26 16.95 0.21
CA SER A 2 11.43 16.05 0.97
C SER A 2 10.34 16.83 1.70
N TYR A 3 9.22 16.17 2.00
CA TYR A 3 8.12 16.80 2.70
C TYR A 3 7.43 15.79 3.59
N PRO A 4 6.51 16.27 4.43
CA PRO A 4 5.75 15.45 5.36
C PRO A 4 5.45 14.10 4.73
N GLY A 5 5.57 13.03 5.52
CA GLY A 5 5.32 11.69 5.03
C GLY A 5 3.89 11.59 4.50
N CYS A 6 3.47 10.37 4.18
CA CYS A 6 2.13 10.13 3.66
C CYS A 6 1.10 10.70 4.63
N PRO A 7 -0.14 10.84 4.17
CA PRO A 7 -1.24 11.36 4.96
C PRO A 7 -1.88 10.24 5.75
N SER A 8 -2.73 10.60 6.72
CA SER A 8 -3.39 9.61 7.55
C SER A 8 -4.91 9.74 7.40
N SER A 9 -5.36 10.00 6.17
CA SER A 9 -6.78 10.14 5.90
C SER A 9 -7.25 9.03 4.98
N TYR A 10 -6.34 8.11 4.64
CA TYR A 10 -6.68 7.00 3.76
C TYR A 10 -7.49 5.97 4.53
N ASP A 11 -7.38 5.99 5.86
CA ASP A 11 -8.10 5.06 6.70
C ASP A 11 -7.46 3.69 6.62
N GLY A 12 -6.18 3.60 7.00
CA GLY A 12 -5.46 2.33 6.97
C GLY A 12 -5.87 1.53 5.74
N TYR A 13 -5.79 2.16 4.57
CA TYR A 13 -6.15 1.49 3.33
C TYR A 13 -5.34 0.21 3.17
N CYS A 14 -4.02 0.35 3.04
CA CYS A 14 -3.14 -0.80 2.87
C CYS A 14 -3.17 -1.64 4.15
N LEU A 15 -3.36 -2.95 3.99
CA LEU A 15 -3.40 -3.84 5.13
C LEU A 15 -2.29 -4.89 5.01
N ASN A 16 -2.06 -5.65 6.07
CA ASN A 16 -1.04 -6.67 6.08
C ASN A 16 0.25 -6.12 5.48
N GLY A 17 1.07 -5.48 6.32
CA GLY A 17 2.32 -4.92 5.86
C GLY A 17 2.09 -3.98 4.69
N GLY A 18 1.30 -2.93 4.92
CA GLY A 18 1.01 -1.97 3.88
C GLY A 18 1.84 -0.71 4.06
N VAL A 19 3.00 -0.65 3.40
CA VAL A 19 3.87 0.50 3.49
C VAL A 19 3.53 1.51 2.41
N CYS A 20 3.20 2.74 2.82
CA CYS A 20 2.84 3.79 1.89
C CYS A 20 3.96 3.95 0.87
N MET A 21 3.58 4.19 -0.40
CA MET A 21 4.55 4.36 -1.46
C MET A 21 3.95 5.20 -2.58
N HIS A 22 4.18 6.52 -2.53
CA HIS A 22 3.65 7.43 -3.53
C HIS A 22 4.60 7.47 -4.72
N ILE A 23 4.08 7.09 -5.90
CA ILE A 23 4.87 7.10 -7.12
C ILE A 23 4.76 8.45 -7.79
N GLU A 24 5.88 9.17 -7.89
CA GLU A 24 5.90 10.47 -8.53
C GLU A 24 5.71 10.32 -10.03
N SER A 25 6.22 9.22 -10.59
CA SER A 25 6.11 8.96 -12.01
C SER A 25 4.64 8.77 -12.38
N LEU A 26 4.13 7.55 -12.16
CA LEU A 26 2.76 7.23 -12.46
C LEU A 26 1.85 8.33 -11.95
N ASP A 27 2.26 9.01 -10.88
CA ASP A 27 1.49 10.08 -10.30
C ASP A 27 0.21 9.52 -9.70
N SER A 28 0.33 8.41 -8.96
CA SER A 28 -0.81 7.79 -8.33
C SER A 28 -0.45 7.34 -6.92
N TYR A 29 -1.35 6.58 -6.28
CA TYR A 29 -1.11 6.10 -4.94
C TYR A 29 -1.17 4.58 -4.92
N THR A 30 -0.27 3.95 -4.14
CA THR A 30 -0.23 2.50 -4.05
C THR A 30 0.53 2.10 -2.80
N CYS A 31 0.28 0.87 -2.33
CA CYS A 31 0.93 0.36 -1.14
C CYS A 31 1.84 -0.80 -1.52
N ASN A 32 2.94 -0.98 -0.78
CA ASN A 32 3.89 -2.05 -1.04
C ASN A 32 3.47 -3.30 -0.29
N CYS A 33 2.61 -4.12 -0.91
CA CYS A 33 2.15 -5.35 -0.30
C CYS A 33 3.13 -6.47 -0.60
N VAL A 34 3.16 -7.49 0.27
CA VAL A 34 4.05 -8.62 0.10
C VAL A 34 3.42 -9.64 -0.85
N ILE A 35 4.19 -10.65 -1.24
CA ILE A 35 3.70 -11.69 -2.12
C ILE A 35 2.72 -12.58 -1.39
N GLY A 36 1.51 -12.73 -1.93
CA GLY A 36 0.50 -13.56 -1.31
C GLY A 36 -0.68 -12.71 -0.87
N TYR A 37 -0.41 -11.44 -0.54
CA TYR A 37 -1.45 -10.53 -0.10
C TYR A 37 -1.81 -9.57 -1.23
N SER A 38 -3.09 -9.51 -1.59
CA SER A 38 -3.55 -8.65 -2.65
C SER A 38 -5.07 -8.68 -2.73
N GLY A 39 -5.67 -9.70 -2.11
CA GLY A 39 -7.11 -9.85 -2.11
C GLY A 39 -7.77 -8.61 -1.51
N ASP A 40 -8.42 -7.80 -2.35
CA ASP A 40 -9.08 -6.60 -1.90
C ASP A 40 -8.20 -5.88 -0.88
N ARG A 41 -7.29 -5.04 -1.39
CA ARG A 41 -6.39 -4.29 -0.53
C ARG A 41 -5.56 -5.25 0.30
N CYS A 42 -4.88 -6.19 -0.37
CA CYS A 42 -4.04 -7.16 0.31
C CYS A 42 -4.75 -7.67 1.55
N GLU A 43 -6.09 -7.56 1.57
CA GLU A 43 -6.88 -8.02 2.69
C GLU A 43 -6.85 -9.54 2.77
N HIS A 44 -7.52 -10.19 1.82
CA HIS A 44 -7.57 -11.64 1.78
C HIS A 44 -6.19 -12.20 1.50
N ALA A 45 -5.65 -12.98 2.44
CA ALA A 45 -4.34 -13.58 2.29
C ALA A 45 -4.40 -14.73 1.31
N ASP A 46 -3.58 -14.68 0.26
CA ASP A 46 -3.55 -15.73 -0.74
C ASP A 46 -2.17 -16.35 -0.80
N LEU A 47 -1.68 -16.82 0.35
CA LEU A 47 -0.37 -17.44 0.42
C LEU A 47 -0.32 -18.67 -0.48
N LEU A 48 0.83 -19.34 -0.51
CA LEU A 48 1.00 -20.53 -1.32
C LEU A 48 0.78 -20.18 -2.79
N ALA A 49 0.92 -18.89 -3.12
CA ALA A 49 0.73 -18.44 -4.48
C ALA A 49 -0.76 -18.36 -4.80
N ASN A 1 11.13 20.77 3.07
CA ASN A 1 9.79 20.95 2.55
C ASN A 1 9.43 19.76 1.67
N SER A 2 10.05 18.61 1.93
CA SER A 2 9.79 17.41 1.16
C SER A 2 9.70 16.20 2.10
N TYR A 3 8.72 15.34 1.85
CA TYR A 3 8.53 14.15 2.67
C TYR A 3 7.71 13.12 1.91
N PRO A 4 8.39 12.28 1.12
CA PRO A 4 7.77 11.24 0.33
C PRO A 4 6.82 10.42 1.19
N GLY A 5 6.83 10.69 2.50
CA GLY A 5 5.96 9.99 3.43
C GLY A 5 4.52 10.03 2.94
N CYS A 6 3.64 9.28 3.62
CA CYS A 6 2.24 9.24 3.26
C CYS A 6 1.40 9.79 4.40
N PRO A 7 0.15 10.16 4.10
CA PRO A 7 -0.79 10.70 5.05
C PRO A 7 -1.53 9.57 5.76
N SER A 8 -2.22 9.90 6.85
CA SER A 8 -2.95 8.91 7.61
C SER A 8 -4.45 9.23 7.58
N SER A 9 -4.92 9.68 6.42
CA SER A 9 -6.33 10.02 6.26
C SER A 9 -6.98 9.08 5.24
N TYR A 10 -6.18 8.17 4.69
CA TYR A 10 -6.68 7.22 3.71
C TYR A 10 -7.52 6.15 4.40
N ASP A 11 -7.41 6.08 5.73
CA ASP A 11 -8.15 5.11 6.51
C ASP A 11 -7.50 3.73 6.38
N GLY A 12 -6.21 3.65 6.72
CA GLY A 12 -5.49 2.40 6.65
C GLY A 12 -5.93 1.62 5.42
N TYR A 13 -5.84 2.25 4.24
CA TYR A 13 -6.21 1.61 3.00
C TYR A 13 -5.43 0.33 2.81
N CYS A 14 -4.11 0.46 2.60
CA CYS A 14 -3.24 -0.68 2.40
C CYS A 14 -3.14 -1.47 3.71
N LEU A 15 -3.30 -2.79 3.61
CA LEU A 15 -3.23 -3.64 4.79
C LEU A 15 -2.18 -4.74 4.56
N ASN A 16 -1.87 -5.49 5.61
CA ASN A 16 -0.89 -6.55 5.52
C ASN A 16 0.35 -6.06 4.81
N GLY A 17 1.29 -5.48 5.56
CA GLY A 17 2.52 -4.96 4.98
C GLY A 17 2.21 -3.99 3.85
N GLY A 18 1.53 -2.89 4.19
CA GLY A 18 1.17 -1.88 3.21
C GLY A 18 2.16 -0.73 3.25
N VAL A 19 3.16 -0.77 2.36
CA VAL A 19 4.16 0.26 2.30
C VAL A 19 3.73 1.36 1.32
N CYS A 20 3.56 2.58 1.82
CA CYS A 20 3.15 3.69 1.00
C CYS A 20 4.10 3.84 -0.18
N MET A 21 3.56 4.21 -1.34
CA MET A 21 4.37 4.38 -2.53
C MET A 21 3.74 5.42 -3.45
N HIS A 22 4.09 6.69 -3.23
CA HIS A 22 3.56 7.78 -4.04
C HIS A 22 4.47 8.04 -5.22
N ILE A 23 3.93 7.85 -6.44
CA ILE A 23 4.70 8.07 -7.65
C ILE A 23 4.53 9.51 -8.11
N GLU A 24 5.65 10.22 -8.28
CA GLU A 24 5.62 11.60 -8.72
C GLU A 24 5.27 11.67 -10.20
N SER A 25 5.77 10.70 -10.98
CA SER A 25 5.50 10.66 -12.40
C SER A 25 4.04 10.30 -12.65
N LEU A 26 3.72 9.01 -12.53
CA LEU A 26 2.35 8.56 -12.74
C LEU A 26 1.37 9.50 -12.04
N ASP A 27 1.87 10.25 -11.06
CA ASP A 27 1.04 11.18 -10.32
C ASP A 27 -0.22 10.48 -9.84
N SER A 28 -0.06 9.29 -9.25
CA SER A 28 -1.18 8.53 -8.74
C SER A 28 -0.87 8.01 -7.34
N TYR A 29 -1.70 7.10 -6.84
CA TYR A 29 -1.51 6.53 -5.53
C TYR A 29 -1.48 5.02 -5.61
N THR A 30 -0.42 4.41 -5.08
CA THR A 30 -0.28 2.97 -5.10
C THR A 30 0.29 2.48 -3.77
N CYS A 31 0.19 1.18 -3.52
CA CYS A 31 0.69 0.59 -2.29
C CYS A 31 1.40 -0.71 -2.61
N ASN A 32 2.40 -1.06 -1.82
CA ASN A 32 3.16 -2.29 -2.03
C ASN A 32 2.62 -3.38 -1.11
N CYS A 33 2.31 -4.55 -1.68
CA CYS A 33 1.80 -5.67 -0.93
C CYS A 33 2.71 -6.88 -1.12
N VAL A 34 2.70 -7.80 -0.15
CA VAL A 34 3.52 -8.99 -0.22
C VAL A 34 2.78 -10.08 -0.99
N ILE A 35 3.49 -11.17 -1.31
CA ILE A 35 2.89 -12.28 -2.03
C ILE A 35 2.01 -13.09 -1.10
N GLY A 36 0.79 -13.42 -1.56
CA GLY A 36 -0.14 -14.18 -0.76
C GLY A 36 -1.31 -13.32 -0.34
N TYR A 37 -1.09 -12.01 -0.24
CA TYR A 37 -2.13 -11.08 0.14
C TYR A 37 -2.77 -10.48 -1.10
N SER A 38 -4.10 -10.61 -1.20
CA SER A 38 -4.83 -10.08 -2.33
C SER A 38 -6.01 -9.25 -1.84
N GLY A 39 -6.76 -8.66 -2.77
CA GLY A 39 -7.91 -7.85 -2.43
C GLY A 39 -7.63 -6.39 -2.74
N ASP A 40 -8.68 -5.64 -3.07
CA ASP A 40 -8.55 -4.23 -3.38
C ASP A 40 -7.60 -3.56 -2.40
N ARG A 41 -7.42 -4.18 -1.23
CA ARG A 41 -6.54 -3.66 -0.21
C ARG A 41 -5.74 -4.79 0.42
N CYS A 42 -5.31 -5.74 -0.41
CA CYS A 42 -4.54 -6.88 0.06
C CYS A 42 -5.12 -7.38 1.37
N GLU A 43 -6.42 -7.70 1.37
CA GLU A 43 -7.09 -8.19 2.56
C GLU A 43 -7.14 -9.71 2.54
N HIS A 44 -7.47 -10.28 1.37
CA HIS A 44 -7.55 -11.72 1.23
C HIS A 44 -6.18 -12.35 1.48
N ALA A 45 -5.91 -12.71 2.74
CA ALA A 45 -4.66 -13.31 3.11
C ALA A 45 -4.61 -14.76 2.63
N ASP A 46 -3.62 -15.08 1.81
CA ASP A 46 -3.47 -16.42 1.28
C ASP A 46 -2.00 -16.79 1.20
N LEU A 47 -1.29 -16.65 2.31
CA LEU A 47 0.13 -16.97 2.36
C LEU A 47 0.35 -18.42 1.99
N LEU A 48 1.60 -18.79 1.70
CA LEU A 48 1.94 -20.15 1.33
C LEU A 48 3.05 -20.67 2.23
N ALA A 49 3.29 -19.98 3.34
CA ALA A 49 4.31 -20.37 4.28
C ALA A 49 5.69 -19.94 3.76
#